data_3HLT
#
_entry.id   3HLT
#
_cell.length_a   68.940
_cell.length_b   77.680
_cell.length_c   103.990
_cell.angle_alpha   90.00
_cell.angle_beta   90.00
_cell.angle_gamma   90.00
#
_symmetry.space_group_name_H-M   'P 21 2 21'
#
loop_
_entity.id
_entity.type
_entity.pdbx_description
1 polymer HDHD2
2 non-polymer 'SULFATE ION'
3 non-polymer 'CHLORIDE ION'
4 non-polymer 'SODIUM ION'
5 water water
#
_entity_poly.entity_id   1
_entity_poly.type   'polypeptide(L)'
_entity_poly.pdbx_seq_one_letter_code
;MAACRALKAVLVDLSGTLHIEDAAVPGAQEALKRLRGASVIIRFVTNTTKESKQDLLERLRKLEFDISEDEIFTSLTAAR
SLLERKQVRPMLLVDDRALPDFKGIQTSDPNAVVMGLAPEHFHYQILNQAFRLLLDGAPLIAIHKARYYKRKDGLALGPG
PFVTALEYATDTKATVVGKPEKTFFLEALRGTGCEPEEAVMIGDDCRDDVGGAQDVGMLGILVKTGKYRASDEEKINPPP
YLTCESFPHAVDHILQHLLAENLYFQ
;
_entity_poly.pdbx_strand_id   A,C
#
# COMPACT_ATOMS: atom_id res chain seq x y z
N ARG A 5 10.33 13.32 -40.61
CA ARG A 5 9.65 12.96 -39.32
C ARG A 5 9.10 14.18 -38.57
N ALA A 6 8.32 13.90 -37.51
CA ALA A 6 7.73 14.91 -36.61
C ALA A 6 7.53 14.28 -35.24
N LEU A 7 7.62 15.09 -34.18
CA LEU A 7 7.43 14.60 -32.79
C LEU A 7 5.96 14.64 -32.34
N LYS A 8 5.40 13.48 -32.04
CA LYS A 8 3.97 13.38 -31.74
C LYS A 8 3.68 12.80 -30.35
N ALA A 9 4.67 12.15 -29.76
CA ALA A 9 4.52 11.59 -28.41
C ALA A 9 5.73 11.79 -27.52
N VAL A 10 5.47 11.86 -26.23
CA VAL A 10 6.51 12.03 -25.24
C VAL A 10 6.25 11.04 -24.11
N LEU A 11 7.25 10.23 -23.78
CA LEU A 11 7.16 9.28 -22.68
C LEU A 11 7.88 9.90 -21.49
N VAL A 12 7.20 10.10 -20.38
CA VAL A 12 7.83 10.72 -19.21
C VAL A 12 8.01 9.71 -18.08
N ASP A 13 9.24 9.49 -17.67
CA ASP A 13 9.47 8.66 -16.51
C ASP A 13 8.89 9.37 -15.29
N LEU A 14 8.41 8.62 -14.28
CA LEU A 14 7.86 9.26 -13.08
C LEU A 14 8.88 9.54 -12.00
N SER A 15 9.32 8.50 -11.32
CA SER A 15 10.25 8.61 -10.21
C SER A 15 11.65 8.98 -10.68
N GLY A 16 12.19 10.05 -10.09
CA GLY A 16 13.43 10.63 -10.54
C GLY A 16 13.24 11.81 -11.51
N THR A 17 12.11 11.88 -12.19
CA THR A 17 11.98 12.83 -13.31
C THR A 17 10.88 13.84 -13.06
N LEU A 18 9.69 13.37 -12.68
CA LEU A 18 8.61 14.26 -12.22
C LEU A 18 8.67 14.59 -10.71
N HIS A 19 8.97 13.59 -9.90
CA HIS A 19 8.99 13.71 -8.44
C HIS A 19 10.14 12.87 -7.88
N ILE A 20 10.71 13.28 -6.75
CA ILE A 20 11.93 12.61 -6.31
C ILE A 20 12.12 12.62 -4.82
N GLU A 21 11.15 12.19 -4.03
CA GLU A 21 9.95 11.44 -4.36
C GLU A 21 9.03 11.84 -3.21
N ASP A 22 7.71 11.84 -3.43
CA ASP A 22 6.77 12.47 -2.48
C ASP A 22 6.97 14.00 -2.33
N ALA A 23 8.03 14.51 -2.94
CA ALA A 23 8.18 15.91 -3.26
C ALA A 23 8.29 16.02 -4.79
N ALA A 24 7.74 17.08 -5.38
CA ALA A 24 7.79 17.24 -6.84
C ALA A 24 9.12 17.84 -7.25
N VAL A 25 9.55 17.60 -8.48
CA VAL A 25 10.75 18.26 -8.96
C VAL A 25 10.32 19.69 -9.23
N PRO A 26 11.13 20.68 -8.83
CA PRO A 26 10.69 22.09 -8.95
C PRO A 26 10.48 22.45 -10.42
N GLY A 27 9.32 23.01 -10.72
CA GLY A 27 8.94 23.39 -12.08
C GLY A 27 8.21 22.30 -12.85
N ALA A 28 8.23 21.09 -12.31
CA ALA A 28 7.71 19.96 -12.99
C ALA A 28 6.25 20.16 -13.41
N GLN A 29 5.41 20.55 -12.46
CA GLN A 29 4.00 20.73 -12.73
C GLN A 29 3.78 21.74 -13.87
N GLU A 30 4.40 22.92 -13.76
CA GLU A 30 4.21 23.99 -14.79
C GLU A 30 4.78 23.57 -16.17
N ALA A 31 5.88 22.82 -16.15
CA ALA A 31 6.51 22.26 -17.33
C ALA A 31 5.59 21.27 -18.04
N LEU A 32 4.87 20.48 -17.26
CA LEU A 32 3.89 19.55 -17.80
C LEU A 32 2.71 20.29 -18.43
N LYS A 33 2.31 21.39 -17.80
CA LYS A 33 1.28 22.30 -18.37
C LYS A 33 1.75 22.87 -19.69
N ARG A 34 3.02 23.27 -19.75
CA ARG A 34 3.58 23.77 -21.00
C ARG A 34 3.46 22.63 -22.04
N LEU A 35 3.90 21.43 -21.65
CA LEU A 35 3.84 20.29 -22.55
C LEU A 35 2.41 20.05 -23.12
N ARG A 36 1.38 20.06 -22.27
CA ARG A 36 -0.02 19.85 -22.74
C ARG A 36 -0.57 20.90 -23.72
N GLY A 37 0.07 22.08 -23.70
CA GLY A 37 -0.25 23.20 -24.60
C GLY A 37 0.34 22.92 -25.97
N ALA A 38 1.40 22.13 -25.99
CA ALA A 38 2.10 21.76 -27.21
C ALA A 38 1.33 20.83 -28.13
N SER A 39 0.22 20.25 -27.63
CA SER A 39 -0.62 19.37 -28.44
C SER A 39 0.23 18.17 -28.86
N VAL A 40 0.63 17.37 -27.90
CA VAL A 40 1.51 16.25 -28.15
C VAL A 40 0.94 15.13 -27.30
N ILE A 41 1.14 13.88 -27.71
CA ILE A 41 0.61 12.76 -26.91
C ILE A 41 1.56 12.44 -25.75
N ILE A 42 1.01 12.24 -24.55
CA ILE A 42 1.82 12.12 -23.33
C ILE A 42 1.52 10.82 -22.60
N ARG A 43 2.56 10.06 -22.25
CA ARG A 43 2.40 8.83 -21.52
CA ARG A 43 2.42 8.81 -21.53
C ARG A 43 3.41 8.77 -20.36
N PHE A 44 2.92 8.55 -19.15
CA PHE A 44 3.82 8.49 -18.01
C PHE A 44 4.14 7.06 -17.75
N VAL A 45 5.44 6.76 -17.68
CA VAL A 45 5.88 5.40 -17.58
C VAL A 45 6.77 5.14 -16.37
N THR A 46 6.77 3.90 -15.89
CA THR A 46 7.66 3.53 -14.82
C THR A 46 7.70 2.03 -14.63
N ASN A 47 8.79 1.56 -14.03
CA ASN A 47 8.89 0.20 -13.54
C ASN A 47 8.37 0.13 -12.10
N THR A 48 7.35 -0.68 -11.88
CA THR A 48 6.94 -0.99 -10.52
C THR A 48 6.38 -2.39 -10.49
N THR A 49 6.42 -3.04 -9.34
CA THR A 49 5.76 -4.34 -9.21
C THR A 49 4.81 -4.29 -8.04
N LYS A 50 4.74 -3.13 -7.42
CA LYS A 50 4.00 -3.05 -6.20
C LYS A 50 3.07 -1.87 -6.04
N GLU A 51 3.05 -0.95 -7.01
CA GLU A 51 2.14 0.18 -6.97
C GLU A 51 1.17 0.10 -8.12
N SER A 52 -0.10 0.07 -7.76
CA SER A 52 -1.11 0.05 -8.76
C SER A 52 -1.19 1.40 -9.44
N LYS A 53 -1.84 1.43 -10.60
CA LYS A 53 -2.04 2.63 -11.37
C LYS A 53 -2.75 3.70 -10.54
N GLN A 54 -3.86 3.34 -9.89
CA GLN A 54 -4.54 4.23 -8.93
C GLN A 54 -3.61 4.73 -7.79
N ASP A 55 -2.83 3.83 -7.20
CA ASP A 55 -1.84 4.22 -6.20
C ASP A 55 -0.90 5.34 -6.71
N LEU A 56 -0.24 5.13 -7.88
CA LEU A 56 0.64 6.15 -8.49
C LEU A 56 -0.17 7.36 -8.73
N LEU A 57 -1.33 7.14 -9.33
CA LEU A 57 -2.18 8.28 -9.70
C LEU A 57 -2.54 9.14 -8.49
N GLU A 58 -2.87 8.49 -7.38
CA GLU A 58 -3.26 9.25 -6.21
C GLU A 58 -2.09 10.13 -5.74
N ARG A 59 -0.89 9.55 -5.67
CA ARG A 59 0.33 10.28 -5.35
C ARG A 59 0.65 11.47 -6.27
N LEU A 60 0.55 11.27 -7.57
CA LEU A 60 0.81 12.34 -8.51
C LEU A 60 -0.18 13.49 -8.37
N ARG A 61 -1.42 13.16 -8.07
CA ARG A 61 -2.45 14.20 -7.89
C ARG A 61 -2.23 15.04 -6.63
N LYS A 62 -1.78 14.41 -5.56
CA LYS A 62 -1.40 15.10 -4.31
C LYS A 62 -0.27 16.07 -4.56
N LEU A 63 0.63 15.72 -5.48
CA LEU A 63 1.63 16.70 -5.90
C LEU A 63 1.10 17.69 -6.95
N GLU A 64 -0.21 17.79 -7.06
CA GLU A 64 -0.84 18.72 -8.01
C GLU A 64 -0.42 18.50 -9.49
N PHE A 65 -0.09 17.26 -9.89
CA PHE A 65 0.00 16.96 -11.32
C PHE A 65 -1.41 16.54 -11.80
N ASP A 66 -1.98 17.21 -12.80
CA ASP A 66 -3.28 16.82 -13.37
C ASP A 66 -3.01 15.75 -14.47
N ILE A 67 -3.28 14.48 -14.15
CA ILE A 67 -3.00 13.34 -15.05
C ILE A 67 -4.24 12.38 -15.13
N SER A 68 -4.44 11.77 -16.31
CA SER A 68 -5.48 10.72 -16.45
C SER A 68 -4.89 9.32 -16.29
N GLU A 69 -5.73 8.35 -15.92
CA GLU A 69 -5.31 6.94 -15.77
C GLU A 69 -4.94 6.33 -17.12
N ASP A 70 -5.49 6.90 -18.19
CA ASP A 70 -5.25 6.44 -19.54
C ASP A 70 -3.86 6.76 -20.02
N GLU A 71 -3.17 7.68 -19.31
CA GLU A 71 -1.86 8.18 -19.75
C GLU A 71 -0.75 7.47 -19.04
N ILE A 72 -1.08 6.62 -18.08
CA ILE A 72 -0.07 5.95 -17.28
C ILE A 72 0.20 4.55 -17.80
N PHE A 73 1.44 4.26 -18.13
CA PHE A 73 1.75 2.95 -18.61
C PHE A 73 2.92 2.46 -17.80
N THR A 74 2.70 1.42 -17.00
CA THR A 74 3.78 0.90 -16.16
C THR A 74 4.06 -0.52 -16.58
N SER A 75 5.09 -1.11 -15.97
CA SER A 75 5.46 -2.45 -16.28
C SER A 75 4.34 -3.42 -15.87
N LEU A 76 3.52 -3.04 -14.88
CA LEU A 76 2.33 -3.85 -14.56
C LEU A 76 1.32 -3.81 -15.69
N THR A 77 1.10 -2.62 -16.24
CA THR A 77 0.13 -2.46 -17.33
C THR A 77 0.63 -3.36 -18.46
N ALA A 78 1.94 -3.36 -18.64
CA ALA A 78 2.58 -4.09 -19.73
C ALA A 78 2.38 -5.59 -19.51
N ALA A 79 2.59 -6.03 -18.27
CA ALA A 79 2.34 -7.43 -17.89
C ALA A 79 0.86 -7.80 -18.12
N ARG A 80 -0.05 -6.90 -17.82
CA ARG A 80 -1.49 -7.18 -18.02
C ARG A 80 -1.87 -7.26 -19.50
N SER A 81 -1.32 -6.35 -20.28
CA SER A 81 -1.49 -6.36 -21.73
CA SER A 81 -1.51 -6.37 -21.73
C SER A 81 -1.03 -7.70 -22.29
N LEU A 82 0.18 -8.11 -21.94
CA LEU A 82 0.66 -9.37 -22.48
C LEU A 82 -0.27 -10.56 -22.13
N LEU A 83 -0.79 -10.58 -20.91
CA LEU A 83 -1.71 -11.63 -20.49
C LEU A 83 -3.00 -11.69 -21.31
N GLU A 84 -3.58 -10.52 -21.57
CA GLU A 84 -4.78 -10.45 -22.40
C GLU A 84 -4.52 -10.92 -23.81
N ARG A 85 -3.38 -10.52 -24.36
CA ARG A 85 -3.06 -10.84 -25.76
C ARG A 85 -2.74 -12.32 -25.89
N LYS A 86 -1.93 -12.85 -24.97
CA LYS A 86 -1.64 -14.30 -24.97
C LYS A 86 -2.83 -15.15 -24.51
N GLN A 87 -3.83 -14.51 -23.89
CA GLN A 87 -5.00 -15.22 -23.33
C GLN A 87 -4.57 -16.30 -22.32
N VAL A 88 -3.67 -15.96 -21.41
CA VAL A 88 -3.25 -16.93 -20.39
C VAL A 88 -3.76 -16.67 -18.97
N ARG A 89 -3.62 -17.67 -18.13
CA ARG A 89 -4.03 -17.57 -16.76
C ARG A 89 -2.85 -17.66 -15.83
N PRO A 90 -2.50 -16.53 -15.20
CA PRO A 90 -1.29 -16.46 -14.45
C PRO A 90 -1.39 -17.00 -13.05
N MET A 91 -0.33 -17.67 -12.65
CA MET A 91 0.01 -17.78 -11.24
C MET A 91 0.62 -16.42 -10.92
N LEU A 92 -0.09 -15.62 -10.11
CA LEU A 92 0.37 -14.23 -9.83
C LEU A 92 1.34 -14.10 -8.69
N LEU A 93 2.64 -14.27 -8.95
CA LEU A 93 3.60 -14.04 -7.86
C LEU A 93 3.93 -12.56 -7.70
N VAL A 94 2.98 -11.83 -7.16
CA VAL A 94 3.07 -10.35 -7.10
C VAL A 94 2.63 -9.87 -5.72
N ASP A 95 2.98 -8.64 -5.37
CA ASP A 95 2.59 -8.07 -4.11
C ASP A 95 1.07 -7.93 -4.21
N ASP A 96 0.38 -8.07 -3.08
CA ASP A 96 -1.08 -7.89 -3.02
C ASP A 96 -1.48 -6.54 -3.57
N ARG A 97 -0.67 -5.53 -3.31
CA ARG A 97 -0.99 -4.17 -3.78
C ARG A 97 -0.93 -4.03 -5.30
N ALA A 98 -0.46 -5.05 -6.02
CA ALA A 98 -0.40 -4.96 -7.50
C ALA A 98 -1.63 -5.58 -8.12
N LEU A 99 -2.33 -6.38 -7.32
CA LEU A 99 -3.54 -7.10 -7.78
C LEU A 99 -4.58 -6.26 -8.46
N PRO A 100 -4.84 -5.00 -7.96
CA PRO A 100 -5.87 -4.23 -8.67
C PRO A 100 -5.57 -4.04 -10.15
N ASP A 101 -4.28 -4.13 -10.53
CA ASP A 101 -3.90 -3.98 -11.95
C ASP A 101 -4.15 -5.23 -12.81
N PHE A 102 -4.48 -6.36 -12.17
CA PHE A 102 -4.88 -7.56 -12.89
C PHE A 102 -6.37 -7.87 -12.71
N LYS A 103 -7.14 -6.84 -12.37
CA LYS A 103 -8.54 -7.04 -12.15
C LYS A 103 -9.11 -7.53 -13.47
N GLY A 104 -9.81 -8.67 -13.44
CA GLY A 104 -10.45 -9.26 -14.63
C GLY A 104 -9.65 -10.38 -15.31
N ILE A 105 -8.39 -10.55 -14.91
CA ILE A 105 -7.59 -11.64 -15.42
C ILE A 105 -7.90 -12.92 -14.65
N GLN A 106 -8.37 -13.95 -15.38
CA GLN A 106 -8.69 -15.27 -14.80
C GLN A 106 -7.45 -15.98 -14.31
N THR A 107 -7.57 -16.61 -13.14
CA THR A 107 -6.42 -17.35 -12.53
C THR A 107 -6.64 -18.84 -12.38
N SER A 108 -7.81 -19.38 -12.65
CA SER A 108 -7.99 -20.85 -12.56
C SER A 108 -7.08 -21.62 -13.51
N ASP A 109 -6.72 -22.85 -13.11
CA ASP A 109 -5.77 -23.72 -13.84
C ASP A 109 -4.66 -22.88 -14.48
N PRO A 110 -3.80 -22.25 -13.65
CA PRO A 110 -2.82 -21.36 -14.26
C PRO A 110 -2.01 -22.09 -15.31
N ASN A 111 -1.68 -21.36 -16.39
CA ASN A 111 -0.76 -21.81 -17.42
C ASN A 111 0.23 -20.72 -17.79
N ALA A 112 0.60 -19.91 -16.80
CA ALA A 112 1.65 -18.90 -16.97
C ALA A 112 2.13 -18.54 -15.59
N VAL A 113 3.36 -18.05 -15.48
CA VAL A 113 3.85 -17.52 -14.20
C VAL A 113 4.19 -16.02 -14.35
N VAL A 114 3.59 -15.15 -13.52
CA VAL A 114 3.99 -13.74 -13.54
C VAL A 114 4.77 -13.44 -12.29
N MET A 115 5.97 -12.91 -12.44
CA MET A 115 6.74 -12.62 -11.27
C MET A 115 7.01 -11.14 -11.09
N GLY A 116 6.63 -10.58 -9.94
CA GLY A 116 7.07 -9.25 -9.54
C GLY A 116 7.87 -9.38 -8.29
N LEU A 117 7.99 -8.35 -7.49
CA LEU A 117 8.74 -8.46 -6.24
C LEU A 117 7.72 -8.82 -5.14
N ALA A 118 7.80 -10.05 -4.59
CA ALA A 118 6.72 -10.57 -3.71
C ALA A 118 7.25 -11.52 -2.66
N PRO A 119 7.87 -10.95 -1.59
CA PRO A 119 8.49 -11.63 -0.48
C PRO A 119 7.63 -12.71 0.14
N GLU A 120 6.33 -12.47 0.24
CA GLU A 120 5.41 -13.46 0.80
C GLU A 120 5.32 -14.74 -0.10
N HIS A 121 5.58 -14.60 -1.40
CA HIS A 121 5.52 -15.73 -2.32
C HIS A 121 6.92 -16.26 -2.66
N PHE A 122 7.96 -15.51 -2.32
CA PHE A 122 9.29 -15.97 -2.66
C PHE A 122 9.87 -16.93 -1.65
N HIS A 123 9.29 -18.12 -1.54
CA HIS A 123 9.91 -19.19 -0.75
C HIS A 123 9.83 -20.51 -1.48
N TYR A 124 10.53 -21.51 -0.96
CA TYR A 124 10.80 -22.70 -1.70
C TYR A 124 9.55 -23.33 -2.29
N GLN A 125 8.60 -23.68 -1.43
CA GLN A 125 7.40 -24.38 -1.87
C GLN A 125 6.67 -23.67 -3.03
N ILE A 126 6.50 -22.34 -2.96
CA ILE A 126 5.73 -21.66 -3.97
C ILE A 126 6.59 -21.46 -5.24
N LEU A 127 7.90 -21.21 -5.07
CA LEU A 127 8.79 -21.15 -6.22
C LEU A 127 8.85 -22.49 -6.95
N ASN A 128 8.86 -23.60 -6.20
CA ASN A 128 8.89 -24.93 -6.80
C ASN A 128 7.58 -25.27 -7.56
N GLN A 129 6.45 -24.73 -7.08
CA GLN A 129 5.19 -24.90 -7.80
C GLN A 129 5.23 -24.11 -9.10
N ALA A 130 5.88 -22.98 -9.09
CA ALA A 130 6.02 -22.15 -10.30
C ALA A 130 6.94 -22.84 -11.29
N PHE A 131 8.02 -23.39 -10.74
CA PHE A 131 8.93 -24.24 -11.49
C PHE A 131 8.17 -25.36 -12.21
N ARG A 132 7.25 -26.02 -11.49
CA ARG A 132 6.62 -27.19 -12.05
C ARG A 132 5.68 -26.78 -13.14
N LEU A 133 5.11 -25.58 -13.05
CA LEU A 133 4.29 -25.06 -14.15
C LEU A 133 5.17 -24.75 -15.35
N LEU A 134 6.35 -24.16 -15.11
CA LEU A 134 7.28 -23.87 -16.23
C LEU A 134 7.65 -25.14 -16.95
N LEU A 135 7.98 -26.20 -16.19
CA LEU A 135 8.32 -27.49 -16.81
C LEU A 135 7.22 -27.93 -17.75
N ASP A 136 5.98 -27.63 -17.40
CA ASP A 136 4.82 -28.03 -18.19
C ASP A 136 4.59 -27.13 -19.41
N GLY A 137 5.46 -26.14 -19.58
CA GLY A 137 5.46 -25.33 -20.79
C GLY A 137 4.81 -23.97 -20.64
N ALA A 138 4.41 -23.64 -19.40
CA ALA A 138 3.94 -22.32 -19.09
C ALA A 138 5.10 -21.32 -19.27
N PRO A 139 4.83 -20.14 -19.86
CA PRO A 139 5.85 -19.08 -19.95
C PRO A 139 6.10 -18.37 -18.61
N LEU A 140 7.32 -17.87 -18.45
CA LEU A 140 7.69 -17.04 -17.31
C LEU A 140 7.70 -15.59 -17.74
N ILE A 141 6.81 -14.79 -17.14
CA ILE A 141 6.68 -13.37 -17.43
C ILE A 141 7.22 -12.58 -16.25
N ALA A 142 8.34 -11.87 -16.47
CA ALA A 142 8.99 -11.07 -15.42
C ALA A 142 8.54 -9.65 -15.61
N ILE A 143 7.95 -9.09 -14.57
CA ILE A 143 7.56 -7.69 -14.65
C ILE A 143 8.80 -6.83 -14.94
N HIS A 144 9.86 -7.01 -14.14
CA HIS A 144 11.19 -6.50 -14.49
C HIS A 144 12.25 -7.32 -13.78
N LYS A 145 13.51 -7.03 -13.99
CA LYS A 145 14.55 -7.86 -13.41
C LYS A 145 15.53 -7.06 -12.53
N ALA A 146 15.05 -6.05 -11.80
CA ALA A 146 15.99 -5.30 -10.96
C ALA A 146 16.63 -6.25 -9.98
N ARG A 147 17.93 -6.07 -9.75
CA ARG A 147 18.67 -6.90 -8.84
C ARG A 147 18.33 -6.62 -7.38
N TYR A 148 18.08 -5.35 -7.09
CA TYR A 148 17.86 -4.86 -5.73
C TYR A 148 17.30 -3.45 -5.77
N TYR A 149 16.93 -2.93 -4.60
CA TYR A 149 16.35 -1.62 -4.45
C TYR A 149 16.66 -1.22 -3.01
N LYS A 150 16.49 0.06 -2.72
CA LYS A 150 16.93 0.60 -1.47
C LYS A 150 15.72 0.81 -0.57
N ARG A 151 15.73 0.10 0.57
CA ARG A 151 14.69 0.29 1.59
CA ARG A 151 14.69 0.33 1.58
C ARG A 151 15.29 0.95 2.82
N LYS A 152 14.42 1.46 3.69
CA LYS A 152 14.83 2.15 4.91
C LYS A 152 16.12 1.62 5.54
N ASP A 153 16.31 0.30 5.54
CA ASP A 153 17.45 -0.31 6.27
C ASP A 153 18.61 -0.86 5.40
N GLY A 154 18.60 -0.52 4.12
CA GLY A 154 19.65 -0.93 3.21
C GLY A 154 19.04 -1.50 1.95
N LEU A 155 19.92 -2.00 1.07
CA LEU A 155 19.51 -2.66 -0.15
C LEU A 155 18.83 -3.96 0.18
N ALA A 156 17.78 -4.26 -0.57
CA ALA A 156 17.16 -5.53 -0.44
C ALA A 156 17.00 -6.13 -1.82
N LEU A 157 16.95 -7.46 -1.86
CA LEU A 157 16.72 -8.22 -3.08
C LEU A 157 15.50 -7.69 -3.85
N GLY A 158 15.69 -7.41 -5.14
CA GLY A 158 14.54 -7.15 -5.99
C GLY A 158 13.95 -8.43 -6.61
N PRO A 159 13.09 -8.28 -7.64
CA PRO A 159 12.54 -9.48 -8.27
C PRO A 159 13.52 -10.20 -9.19
N GLY A 160 14.49 -9.45 -9.74
CA GLY A 160 15.43 -9.99 -10.72
C GLY A 160 16.11 -11.27 -10.31
N PRO A 161 16.57 -11.37 -9.05
CA PRO A 161 17.24 -12.63 -8.69
C PRO A 161 16.28 -13.86 -8.70
N PHE A 162 15.01 -13.67 -8.40
CA PHE A 162 14.10 -14.82 -8.30
C PHE A 162 13.70 -15.26 -9.66
N VAL A 163 13.44 -14.30 -10.54
CA VAL A 163 13.23 -14.59 -11.94
C VAL A 163 14.42 -15.41 -12.51
N THR A 164 15.62 -14.89 -12.30
CA THR A 164 16.86 -15.55 -12.74
C THR A 164 16.97 -16.98 -12.17
N ALA A 165 16.51 -17.20 -10.91
CA ALA A 165 16.45 -18.52 -10.30
C ALA A 165 15.65 -19.51 -11.12
N LEU A 166 14.46 -19.11 -11.54
CA LEU A 166 13.60 -19.98 -12.35
C LEU A 166 14.14 -20.18 -13.79
N GLU A 167 14.72 -19.15 -14.40
CA GLU A 167 15.38 -19.31 -15.74
C GLU A 167 16.49 -20.33 -15.64
N TYR A 168 17.23 -20.28 -14.55
CA TYR A 168 18.38 -21.17 -14.42
C TYR A 168 17.89 -22.60 -14.24
N ALA A 169 16.82 -22.74 -13.47
CA ALA A 169 16.26 -24.05 -13.12
C ALA A 169 15.74 -24.78 -14.35
N THR A 170 15.06 -24.01 -15.22
CA THR A 170 14.49 -24.50 -16.47
C THR A 170 15.38 -24.22 -17.69
N ASP A 171 16.49 -23.49 -17.48
CA ASP A 171 17.37 -23.17 -18.62
C ASP A 171 16.57 -22.46 -19.71
N THR A 172 15.77 -21.45 -19.37
CA THR A 172 15.02 -20.73 -20.41
C THR A 172 14.92 -19.26 -20.02
N LYS A 173 14.76 -18.40 -21.00
CA LYS A 173 14.69 -16.98 -20.73
C LYS A 173 13.25 -16.62 -20.44
N ALA A 174 13.06 -15.78 -19.43
CA ALA A 174 11.77 -15.15 -19.16
C ALA A 174 11.47 -14.16 -20.23
N THR A 175 10.19 -13.97 -20.51
CA THR A 175 9.68 -12.78 -21.21
C THR A 175 9.63 -11.59 -20.22
N VAL A 176 10.48 -10.58 -20.46
CA VAL A 176 10.58 -9.43 -19.55
C VAL A 176 9.79 -8.31 -20.14
N VAL A 177 8.82 -7.79 -19.38
CA VAL A 177 7.89 -6.76 -19.90
C VAL A 177 8.26 -5.34 -19.57
N GLY A 178 8.99 -5.13 -18.50
CA GLY A 178 9.30 -3.77 -18.10
C GLY A 178 10.48 -3.19 -18.85
N LYS A 179 10.95 -2.02 -18.39
CA LYS A 179 12.15 -1.39 -18.95
C LYS A 179 13.32 -2.24 -18.52
N PRO A 180 14.40 -2.29 -19.34
CA PRO A 180 14.64 -1.58 -20.59
C PRO A 180 14.18 -2.32 -21.87
N GLU A 181 13.36 -3.37 -21.76
CA GLU A 181 13.06 -4.15 -22.95
C GLU A 181 12.41 -3.29 -24.02
N LYS A 182 12.77 -3.56 -25.26
CA LYS A 182 12.12 -2.99 -26.46
C LYS A 182 10.59 -3.09 -26.43
N THR A 183 10.04 -4.25 -26.03
CA THR A 183 8.58 -4.40 -26.03
C THR A 183 7.92 -3.44 -25.07
N PHE A 184 8.64 -2.93 -24.08
CA PHE A 184 8.02 -2.04 -23.13
C PHE A 184 7.60 -0.76 -23.83
N PHE A 185 8.58 -0.19 -24.54
CA PHE A 185 8.41 1.11 -25.14
C PHE A 185 7.44 1.07 -26.31
N LEU A 186 7.39 -0.07 -26.99
CA LEU A 186 6.46 -0.26 -28.10
C LEU A 186 5.06 -0.41 -27.56
N GLU A 187 4.91 -1.09 -26.43
CA GLU A 187 3.59 -1.27 -25.82
C GLU A 187 3.07 0.05 -25.28
N ALA A 188 3.99 0.87 -24.72
CA ALA A 188 3.67 2.22 -24.27
C ALA A 188 2.99 3.10 -25.35
N LEU A 189 3.32 2.91 -26.63
CA LEU A 189 2.70 3.66 -27.73
C LEU A 189 1.46 3.01 -28.36
N ARG A 190 1.19 1.75 -28.01
CA ARG A 190 -0.03 1.09 -28.49
C ARG A 190 -1.25 1.95 -28.12
N GLY A 191 -2.06 2.22 -29.13
CA GLY A 191 -3.24 3.08 -28.98
C GLY A 191 -2.97 4.57 -29.17
N THR A 192 -1.72 4.99 -29.22
CA THR A 192 -1.45 6.40 -29.42
C THR A 192 -1.55 6.75 -30.87
N GLY A 193 -1.43 5.74 -31.74
CA GLY A 193 -1.36 5.95 -33.19
C GLY A 193 0.02 6.41 -33.61
N CYS A 194 0.99 6.31 -32.70
CA CYS A 194 2.35 6.84 -32.90
C CYS A 194 3.39 5.75 -33.02
N GLU A 195 4.38 5.99 -33.87
CA GLU A 195 5.49 5.08 -34.07
C GLU A 195 6.61 5.55 -33.16
N PRO A 196 7.54 4.66 -32.78
CA PRO A 196 8.59 5.04 -31.83
C PRO A 196 9.49 6.17 -32.35
N GLU A 197 9.67 6.22 -33.66
CA GLU A 197 10.52 7.20 -34.32
C GLU A 197 9.92 8.61 -34.25
N GLU A 198 8.69 8.71 -33.75
CA GLU A 198 7.98 9.97 -33.59
C GLU A 198 7.85 10.28 -32.09
N ALA A 199 8.67 9.64 -31.27
CA ALA A 199 8.56 9.72 -29.83
C ALA A 199 9.88 10.07 -29.14
N VAL A 200 9.77 10.69 -27.97
CA VAL A 200 10.90 10.97 -27.09
C VAL A 200 10.59 10.38 -25.72
N MET A 201 11.63 9.95 -25.01
CA MET A 201 11.53 9.38 -23.67
C MET A 201 12.39 10.25 -22.79
N ILE A 202 11.86 10.66 -21.64
CA ILE A 202 12.57 11.48 -20.66
C ILE A 202 12.71 10.70 -19.35
N GLY A 203 13.94 10.43 -18.93
CA GLY A 203 14.17 9.79 -17.66
C GLY A 203 15.52 10.06 -17.06
N ASP A 204 15.65 9.74 -15.76
CA ASP A 204 16.91 9.88 -14.99
C ASP A 204 17.82 8.64 -14.95
N ASP A 205 17.48 7.57 -15.69
CA ASP A 205 18.24 6.32 -15.62
C ASP A 205 18.71 5.95 -17.02
N CYS A 206 20.00 6.13 -17.27
CA CYS A 206 20.57 6.06 -18.61
C CYS A 206 20.36 4.72 -19.35
N ARG A 207 20.56 3.60 -18.65
CA ARG A 207 20.41 2.29 -19.26
C ARG A 207 18.93 1.94 -19.46
N ASP A 208 18.13 2.12 -18.41
CA ASP A 208 16.76 1.63 -18.40
C ASP A 208 15.88 2.58 -19.20
N ASP A 209 16.08 3.88 -19.05
CA ASP A 209 15.29 4.92 -19.75
C ASP A 209 15.75 5.25 -21.20
N VAL A 210 16.96 5.80 -21.34
CA VAL A 210 17.46 6.27 -22.64
C VAL A 210 17.95 5.13 -23.55
N GLY A 211 18.86 4.30 -23.02
CA GLY A 211 19.30 3.11 -23.71
C GLY A 211 18.13 2.31 -24.27
N GLY A 212 17.28 1.81 -23.39
CA GLY A 212 16.11 1.06 -23.82
C GLY A 212 15.28 1.71 -24.91
N ALA A 213 14.92 2.98 -24.74
CA ALA A 213 14.10 3.73 -25.71
C ALA A 213 14.83 3.95 -27.03
N GLN A 214 16.03 4.49 -26.94
CA GLN A 214 16.81 4.75 -28.14
C GLN A 214 16.92 3.49 -29.02
N ASP A 215 16.96 2.34 -28.36
CA ASP A 215 16.98 1.07 -29.03
C ASP A 215 15.70 0.71 -29.83
N VAL A 216 14.59 1.42 -29.63
CA VAL A 216 13.42 1.15 -30.49
C VAL A 216 13.22 2.21 -31.55
N GLY A 217 14.08 3.23 -31.55
CA GLY A 217 13.93 4.38 -32.45
C GLY A 217 13.55 5.72 -31.82
N MET A 218 13.22 5.72 -30.54
CA MET A 218 12.87 6.94 -29.81
C MET A 218 14.09 7.83 -29.55
N LEU A 219 13.87 9.12 -29.38
CA LEU A 219 14.90 10.01 -28.86
C LEU A 219 14.90 9.92 -27.35
N GLY A 220 16.08 9.81 -26.76
CA GLY A 220 16.20 9.66 -25.31
C GLY A 220 16.75 10.92 -24.68
N ILE A 221 16.07 11.44 -23.67
CA ILE A 221 16.60 12.55 -22.94
C ILE A 221 16.88 12.13 -21.53
N LEU A 222 18.17 12.12 -21.18
CA LEU A 222 18.59 11.94 -19.79
C LEU A 222 18.47 13.27 -19.04
N VAL A 223 17.73 13.26 -17.92
CA VAL A 223 17.71 14.40 -16.99
C VAL A 223 18.63 14.14 -15.81
N LYS A 224 19.18 15.20 -15.22
CA LYS A 224 20.25 15.01 -14.21
C LYS A 224 19.75 15.14 -12.77
N THR A 225 18.53 14.68 -12.55
CA THR A 225 17.87 14.68 -11.24
C THR A 225 17.71 13.23 -10.76
N GLY A 226 17.24 13.07 -9.52
CA GLY A 226 16.88 11.76 -8.99
C GLY A 226 18.05 10.77 -8.95
N LYS A 227 17.89 9.65 -9.65
CA LYS A 227 18.88 8.57 -9.65
C LYS A 227 20.16 8.89 -10.42
N TYR A 228 20.15 9.91 -11.26
CA TYR A 228 21.32 10.27 -12.08
C TYR A 228 22.60 10.51 -11.26
N ARG A 229 23.72 9.91 -11.66
CA ARG A 229 25.02 10.32 -11.09
C ARG A 229 25.96 10.83 -12.20
N ALA A 230 26.88 11.73 -11.84
CA ALA A 230 27.87 12.28 -12.79
C ALA A 230 28.48 11.24 -13.74
N SER A 231 28.56 11.60 -15.03
CA SER A 231 29.08 10.72 -16.09
C SER A 231 28.19 9.51 -16.51
N ASP A 232 26.97 9.40 -15.96
CA ASP A 232 26.02 8.35 -16.36
C ASP A 232 25.75 8.38 -17.87
N GLU A 233 25.96 9.54 -18.48
CA GLU A 233 25.74 9.78 -19.91
C GLU A 233 26.54 8.81 -20.80
N GLU A 234 27.76 8.49 -20.40
CA GLU A 234 28.60 7.59 -21.20
C GLU A 234 28.49 6.10 -20.82
N LYS A 235 27.49 5.73 -20.05
CA LYS A 235 27.18 4.33 -19.77
C LYS A 235 26.45 3.67 -20.96
N ILE A 236 26.01 4.49 -21.93
CA ILE A 236 25.48 3.98 -23.21
C ILE A 236 26.23 4.47 -24.45
N ASN A 237 26.28 3.61 -25.46
CA ASN A 237 26.75 3.97 -26.79
C ASN A 237 25.77 3.46 -27.88
N PRO A 238 25.27 4.38 -28.74
CA PRO A 238 25.48 5.83 -28.77
C PRO A 238 25.04 6.46 -27.46
N PRO A 239 25.59 7.65 -27.13
CA PRO A 239 25.18 8.41 -25.96
C PRO A 239 23.72 8.84 -26.05
N PRO A 240 23.16 9.42 -24.98
CA PRO A 240 21.79 9.94 -25.07
C PRO A 240 21.68 11.00 -26.15
N TYR A 241 20.52 11.06 -26.81
CA TYR A 241 20.19 12.12 -27.73
C TYR A 241 20.45 13.51 -27.12
N LEU A 242 20.04 13.68 -25.86
CA LEU A 242 20.29 14.93 -25.12
C LEU A 242 20.43 14.65 -23.62
N THR A 243 21.32 15.38 -22.96
CA THR A 243 21.40 15.37 -21.51
C THR A 243 21.05 16.74 -20.95
N CYS A 244 19.91 16.80 -20.25
CA CYS A 244 19.33 18.04 -19.71
C CYS A 244 19.55 18.08 -18.21
N GLU A 245 19.35 19.24 -17.60
CA GLU A 245 19.44 19.33 -16.14
C GLU A 245 18.22 18.82 -15.38
N SER A 246 17.06 18.82 -16.05
CA SER A 246 15.80 18.40 -15.41
C SER A 246 14.66 18.37 -16.42
N PHE A 247 13.59 17.71 -16.03
CA PHE A 247 12.38 17.61 -16.84
C PHE A 247 11.93 18.96 -17.43
N PRO A 248 11.80 20.02 -16.58
CA PRO A 248 11.50 21.34 -17.12
C PRO A 248 12.40 21.75 -18.28
N HIS A 249 13.71 21.52 -18.14
CA HIS A 249 14.66 21.87 -19.20
C HIS A 249 14.40 21.00 -20.42
N ALA A 250 14.19 19.72 -20.20
CA ALA A 250 13.82 18.84 -21.30
C ALA A 250 12.60 19.38 -22.03
N VAL A 251 11.60 19.85 -21.30
CA VAL A 251 10.37 20.30 -21.95
C VAL A 251 10.66 21.55 -22.79
N ASP A 252 11.47 22.46 -22.23
CA ASP A 252 11.84 23.68 -22.92
C ASP A 252 12.55 23.33 -24.23
N HIS A 253 13.41 22.31 -24.19
CA HIS A 253 14.12 21.88 -25.41
C HIS A 253 13.16 21.32 -26.44
N ILE A 254 12.20 20.50 -25.99
CA ILE A 254 11.19 19.96 -26.89
C ILE A 254 10.35 21.08 -27.58
N LEU A 255 9.93 22.10 -26.82
CA LEU A 255 9.09 23.16 -27.40
C LEU A 255 9.84 24.03 -28.46
N GLN A 256 11.04 24.49 -28.09
CA GLN A 256 11.86 25.37 -28.93
C GLN A 256 12.60 24.67 -30.08
N HIS A 257 12.66 23.34 -30.06
CA HIS A 257 13.47 22.60 -31.05
C HIS A 257 12.75 21.50 -31.85
N LEU A 258 12.06 20.60 -31.16
CA LEU A 258 11.48 19.43 -31.85
C LEU A 258 10.03 19.55 -32.37
N LEU A 259 9.20 20.37 -31.71
CA LEU A 259 7.76 20.38 -32.02
C LEU A 259 7.49 21.20 -33.26
N ALA A 260 6.99 20.53 -34.30
CA ALA A 260 6.74 21.15 -35.60
C ALA A 260 5.26 21.28 -35.90
N ALA B 6 -22.86 12.81 32.46
CA ALA B 6 -22.28 14.07 31.87
C ALA B 6 -21.24 13.79 30.78
N LEU B 7 -21.73 13.47 29.58
CA LEU B 7 -20.89 13.07 28.45
C LEU B 7 -19.83 14.13 28.10
N LYS B 8 -18.61 13.69 27.81
CA LYS B 8 -17.51 14.59 27.44
C LYS B 8 -16.83 14.21 26.10
N ALA B 9 -16.40 12.95 25.99
CA ALA B 9 -15.90 12.39 24.73
C ALA B 9 -16.91 11.47 24.03
N VAL B 10 -16.76 11.28 22.73
CA VAL B 10 -17.61 10.37 21.96
C VAL B 10 -16.71 9.56 21.04
N LEU B 11 -16.64 8.25 21.27
CA LEU B 11 -15.83 7.38 20.42
C LEU B 11 -16.67 6.89 19.27
N VAL B 12 -16.21 7.13 18.05
CA VAL B 12 -16.96 6.77 16.86
C VAL B 12 -16.18 5.76 16.04
N ASP B 13 -16.84 4.63 15.78
CA ASP B 13 -16.25 3.59 14.96
C ASP B 13 -16.23 3.98 13.48
N LEU B 14 -15.23 3.48 12.76
CA LEU B 14 -15.03 3.84 11.34
C LEU B 14 -15.97 3.09 10.39
N SER B 15 -15.51 1.97 9.85
CA SER B 15 -16.26 1.19 8.85
C SER B 15 -17.42 0.43 9.48
N GLY B 16 -18.55 0.45 8.78
CA GLY B 16 -19.79 -0.11 9.30
C GLY B 16 -20.52 0.82 10.25
N THR B 17 -19.96 2.01 10.47
CA THR B 17 -20.58 3.03 11.33
C THR B 17 -20.68 4.37 10.60
N VAL B 25 -22.13 6.04 3.95
CA VAL B 25 -23.20 6.15 4.93
C VAL B 25 -24.00 7.45 4.74
N PRO B 26 -25.34 7.33 4.65
CA PRO B 26 -26.24 8.47 4.38
C PRO B 26 -26.48 9.37 5.60
N GLY B 27 -26.35 10.68 5.41
CA GLY B 27 -26.57 11.67 6.46
C GLY B 27 -25.49 11.71 7.54
N ALA B 28 -24.52 10.81 7.44
CA ALA B 28 -23.48 10.65 8.47
C ALA B 28 -22.46 11.79 8.52
N GLN B 29 -22.25 12.45 7.38
CA GLN B 29 -21.29 13.56 7.23
C GLN B 29 -21.66 14.76 8.10
N GLU B 30 -22.79 15.39 7.78
CA GLU B 30 -23.35 16.50 8.56
C GLU B 30 -23.55 16.13 10.04
N ALA B 31 -23.77 14.84 10.29
CA ALA B 31 -24.00 14.31 11.63
C ALA B 31 -22.82 14.53 12.58
N LEU B 32 -21.60 14.46 12.04
CA LEU B 32 -20.38 14.74 12.81
C LEU B 32 -20.29 16.22 13.21
N LYS B 33 -20.69 17.11 12.30
CA LYS B 33 -20.67 18.56 12.53
C LYS B 33 -21.57 19.00 13.69
N ARG B 34 -22.71 18.32 13.86
CA ARG B 34 -23.65 18.62 14.94
C ARG B 34 -23.09 18.33 16.33
N LEU B 35 -22.37 17.21 16.48
CA LEU B 35 -21.73 16.81 17.74
C LEU B 35 -20.53 17.70 18.10
N VAL B 40 -17.96 18.86 22.77
CA VAL B 40 -17.55 17.51 23.13
C VAL B 40 -16.34 17.04 22.31
N ILE B 41 -15.55 16.16 22.93
CA ILE B 41 -14.29 15.69 22.36
C ILE B 41 -14.58 14.46 21.49
N ILE B 42 -14.06 14.41 20.27
CA ILE B 42 -14.29 13.24 19.38
C ILE B 42 -13.01 12.44 19.08
N ARG B 43 -13.16 11.12 19.02
CA ARG B 43 -12.08 10.19 18.73
C ARG B 43 -12.55 9.11 17.74
N PHE B 44 -11.89 9.04 16.57
CA PHE B 44 -12.29 8.03 15.58
C PHE B 44 -11.49 6.76 15.74
N VAL B 45 -12.18 5.62 15.82
CA VAL B 45 -11.50 4.38 16.21
C VAL B 45 -11.70 3.24 15.21
N THR B 46 -10.67 2.39 15.12
CA THR B 46 -10.75 1.18 14.31
C THR B 46 -9.63 0.18 14.59
N ASN B 47 -9.86 -1.07 14.16
CA ASN B 47 -8.92 -2.18 14.26
C ASN B 47 -8.25 -2.51 12.93
N THR B 48 -6.96 -2.19 12.82
CA THR B 48 -6.18 -2.43 11.60
C THR B 48 -4.73 -2.82 11.93
N THR B 49 -4.10 -3.63 11.06
CA THR B 49 -2.67 -3.97 11.17
C THR B 49 -1.90 -3.72 9.86
N LYS B 50 -2.55 -3.00 8.95
CA LYS B 50 -2.03 -2.80 7.59
C LYS B 50 -2.52 -1.53 6.87
N GLU B 51 -3.14 -0.61 7.62
CA GLU B 51 -3.49 0.71 7.05
C GLU B 51 -3.12 1.87 7.99
N SER B 52 -2.15 2.68 7.58
CA SER B 52 -1.58 3.77 8.38
C SER B 52 -2.58 4.94 8.66
N LYS B 53 -2.16 5.85 9.56
CA LYS B 53 -2.96 7.02 10.01
C LYS B 53 -3.24 8.00 8.89
N GLN B 54 -2.19 8.35 8.17
CA GLN B 54 -2.39 9.21 7.03
C GLN B 54 -3.38 8.59 6.02
N ASP B 55 -3.18 7.27 5.71
CA ASP B 55 -3.95 6.52 4.72
C ASP B 55 -5.44 6.33 5.11
N LEU B 56 -5.73 6.25 6.42
CA LEU B 56 -7.13 6.28 6.88
C LEU B 56 -7.70 7.69 6.85
N LEU B 57 -6.81 8.67 7.12
CA LEU B 57 -7.19 10.08 7.21
C LEU B 57 -7.61 10.64 5.85
N GLU B 58 -6.96 10.17 4.78
CA GLU B 58 -7.30 10.58 3.43
C GLU B 58 -8.56 9.89 2.94
N ARG B 59 -8.83 8.69 3.45
CA ARG B 59 -10.06 7.97 3.10
C ARG B 59 -11.28 8.74 3.60
N LEU B 60 -11.24 9.19 4.88
CA LEU B 60 -12.33 9.98 5.47
C LEU B 60 -12.36 11.42 4.93
N ARG B 61 -11.22 11.88 4.40
CA ARG B 61 -11.16 13.15 3.69
C ARG B 61 -11.79 13.01 2.31
N LYS B 62 -11.59 11.85 1.69
CA LYS B 62 -12.23 11.52 0.40
C LYS B 62 -13.71 11.17 0.60
N LEU B 63 -14.05 10.68 1.81
CA LEU B 63 -15.46 10.51 2.25
C LEU B 63 -16.08 11.87 2.63
N GLU B 64 -15.23 12.93 2.52
CA GLU B 64 -15.62 14.34 2.64
C GLU B 64 -16.24 14.70 3.99
N PHE B 65 -15.83 13.98 5.04
CA PHE B 65 -16.11 14.39 6.41
C PHE B 65 -15.00 15.35 6.83
N ASP B 66 -15.16 16.01 7.98
CA ASP B 66 -14.15 16.98 8.41
C ASP B 66 -13.45 16.53 9.69
N ILE B 67 -12.30 15.88 9.52
CA ILE B 67 -11.56 15.25 10.63
C ILE B 67 -10.03 15.45 10.53
N SER B 68 -9.45 15.98 11.60
CA SER B 68 -7.99 16.22 11.71
C SER B 68 -7.21 14.98 12.14
N GLU B 69 -5.88 15.04 12.03
CA GLU B 69 -5.00 13.93 12.39
C GLU B 69 -5.10 13.57 13.88
N ASP B 70 -5.06 14.60 14.74
CA ASP B 70 -5.08 14.44 16.19
C ASP B 70 -6.31 13.68 16.73
N GLU B 71 -7.40 13.66 15.95
CA GLU B 71 -8.67 13.00 16.39
C GLU B 71 -8.76 11.49 16.13
N ILE B 72 -7.80 10.94 15.38
CA ILE B 72 -7.80 9.52 15.00
C ILE B 72 -7.02 8.66 16.01
N PHE B 73 -7.63 7.55 16.43
CA PHE B 73 -6.98 6.57 17.30
C PHE B 73 -7.28 5.18 16.79
N THR B 74 -6.25 4.51 16.31
CA THR B 74 -6.39 3.16 15.81
C THR B 74 -5.66 2.16 16.70
N SER B 75 -5.94 0.90 16.43
CA SER B 75 -5.23 -0.26 16.94
C SER B 75 -3.70 -0.11 16.89
N LEU B 76 -3.21 0.50 15.80
CA LEU B 76 -1.78 0.65 15.58
C LEU B 76 -1.19 1.80 16.36
N THR B 77 -1.95 2.88 16.52
CA THR B 77 -1.44 3.99 17.30
C THR B 77 -1.42 3.63 18.79
N ALA B 78 -2.28 2.68 19.18
CA ALA B 78 -2.24 2.13 20.54
C ALA B 78 -0.95 1.35 20.76
N ALA B 79 -0.58 0.55 19.76
CA ALA B 79 0.73 -0.12 19.77
C ALA B 79 1.86 0.90 19.96
N ARG B 80 1.89 1.93 19.12
CA ARG B 80 2.87 2.98 19.20
C ARG B 80 2.91 3.58 20.59
N SER B 81 1.75 4.05 21.05
CA SER B 81 1.58 4.63 22.39
C SER B 81 2.23 3.76 23.46
N LEU B 82 1.98 2.45 23.41
CA LEU B 82 2.51 1.53 24.41
C LEU B 82 4.02 1.43 24.32
N LEU B 83 4.54 1.39 23.09
CA LEU B 83 5.97 1.29 22.87
C LEU B 83 6.69 2.49 23.46
N GLU B 84 6.18 3.69 23.17
CA GLU B 84 6.73 4.94 23.70
C GLU B 84 6.65 5.00 25.22
N ARG B 85 5.52 4.54 25.75
CA ARG B 85 5.24 4.58 27.18
C ARG B 85 5.87 3.40 27.94
N LYS B 86 6.40 2.42 27.20
CA LYS B 86 7.24 1.38 27.81
C LYS B 86 8.72 1.59 27.52
N GLN B 87 9.01 2.38 26.48
CA GLN B 87 10.39 2.63 26.02
C GLN B 87 11.12 1.31 25.66
N VAL B 88 10.41 0.44 24.93
CA VAL B 88 10.98 -0.82 24.46
C VAL B 88 11.28 -0.71 22.96
N ARG B 89 12.18 -1.56 22.46
CA ARG B 89 12.56 -1.53 21.04
C ARG B 89 11.88 -2.65 20.26
N PRO B 90 10.80 -2.32 19.52
CA PRO B 90 9.95 -3.34 18.88
C PRO B 90 10.60 -4.10 17.74
N MET B 91 10.38 -5.40 17.73
CA MET B 91 10.57 -6.23 16.55
C MET B 91 9.20 -6.26 15.87
N LEU B 92 9.10 -5.58 14.73
CA LEU B 92 7.80 -5.34 14.09
C LEU B 92 7.39 -6.44 13.09
N LEU B 93 6.60 -7.41 13.53
CA LEU B 93 6.05 -8.40 12.61
C LEU B 93 4.70 -7.87 12.13
N VAL B 94 4.84 -6.94 11.20
CA VAL B 94 3.89 -5.88 10.90
C VAL B 94 4.03 -5.64 9.38
N ASP B 95 2.91 -5.40 8.70
CA ASP B 95 2.90 -5.15 7.25
C ASP B 95 3.71 -3.90 6.90
N ASP B 96 4.30 -3.89 5.70
CA ASP B 96 5.01 -2.72 5.20
C ASP B 96 4.11 -1.49 5.27
N ARG B 97 2.83 -1.65 4.92
CA ARG B 97 1.88 -0.53 4.86
C ARG B 97 1.63 0.10 6.22
N ALA B 98 1.93 -0.64 7.29
CA ALA B 98 1.72 -0.17 8.66
C ALA B 98 2.89 0.64 9.24
N LEU B 99 4.10 0.45 8.72
CA LEU B 99 5.32 0.97 9.35
C LEU B 99 5.44 2.50 9.52
N PRO B 100 4.72 3.29 8.69
CA PRO B 100 4.71 4.74 8.98
C PRO B 100 4.07 5.11 10.32
N ASP B 101 3.14 4.28 10.82
CA ASP B 101 2.58 4.48 12.17
C ASP B 101 3.62 4.30 13.28
N PHE B 102 4.75 3.67 12.96
CA PHE B 102 5.91 3.55 13.87
C PHE B 102 7.18 4.17 13.26
N LYS B 103 7.01 5.29 12.55
CA LYS B 103 8.14 6.02 11.97
C LYS B 103 9.11 6.51 13.03
N GLY B 104 10.40 6.31 12.78
CA GLY B 104 11.47 6.65 13.74
C GLY B 104 11.36 6.04 15.14
N ILE B 105 10.94 4.77 15.21
CA ILE B 105 10.92 4.04 16.49
C ILE B 105 12.06 3.02 16.50
N GLN B 106 13.15 3.37 17.19
CA GLN B 106 14.35 2.54 17.29
C GLN B 106 14.07 1.05 17.28
N THR B 107 14.46 0.36 16.22
CA THR B 107 14.23 -1.09 16.13
C THR B 107 15.50 -1.94 16.31
N SER B 108 16.64 -1.30 16.57
CA SER B 108 17.90 -2.03 16.84
C SER B 108 17.89 -2.69 18.23
N ASP B 109 18.58 -3.83 18.37
CA ASP B 109 18.58 -4.60 19.63
C ASP B 109 17.15 -4.75 20.13
N PRO B 110 16.30 -5.47 19.38
CA PRO B 110 14.90 -5.50 19.82
C PRO B 110 14.73 -6.21 21.17
N ASN B 111 13.96 -5.59 22.08
CA ASN B 111 13.63 -6.21 23.37
C ASN B 111 12.11 -6.37 23.59
N ALA B 112 11.35 -6.36 22.50
CA ALA B 112 9.89 -6.47 22.53
C ALA B 112 9.45 -7.08 21.21
N VAL B 113 8.21 -7.55 21.14
CA VAL B 113 7.69 -8.15 19.89
C VAL B 113 6.29 -7.60 19.57
N VAL B 114 6.19 -6.84 18.48
CA VAL B 114 4.89 -6.34 18.01
C VAL B 114 4.38 -7.23 16.93
N MET B 115 3.09 -7.55 17.00
CA MET B 115 2.51 -8.46 16.03
C MET B 115 1.24 -7.99 15.36
N GLY B 116 1.34 -7.81 14.04
CA GLY B 116 0.20 -7.48 13.21
C GLY B 116 -0.12 -8.64 12.30
N LEU B 117 -0.70 -8.35 11.16
CA LEU B 117 -0.90 -9.37 10.15
C LEU B 117 0.14 -9.16 9.05
N ALA B 118 1.21 -9.95 9.11
CA ALA B 118 2.34 -9.79 8.20
C ALA B 118 2.78 -11.14 7.71
N PRO B 119 2.14 -11.66 6.63
CA PRO B 119 2.40 -13.02 6.17
C PRO B 119 3.82 -13.24 5.64
N GLU B 120 4.53 -12.17 5.30
CA GLU B 120 5.93 -12.28 4.87
C GLU B 120 6.79 -12.71 6.05
N HIS B 121 6.30 -12.42 7.26
CA HIS B 121 7.05 -12.63 8.49
C HIS B 121 6.47 -13.78 9.34
N PHE B 122 5.38 -14.38 8.85
CA PHE B 122 4.71 -15.47 9.53
C PHE B 122 5.19 -16.80 8.96
N HIS B 123 6.49 -17.03 9.09
CA HIS B 123 7.14 -18.31 8.75
CA HIS B 123 7.11 -18.30 8.75
C HIS B 123 8.05 -18.71 9.90
N TYR B 124 8.33 -20.01 9.97
CA TYR B 124 9.12 -20.60 11.07
C TYR B 124 10.27 -19.76 11.61
N GLN B 125 11.28 -19.51 10.76
CA GLN B 125 12.53 -18.87 11.18
C GLN B 125 12.34 -17.51 11.88
N ILE B 126 11.42 -16.68 11.37
CA ILE B 126 11.19 -15.37 11.97
C ILE B 126 10.32 -15.50 13.23
N LEU B 127 9.35 -16.41 13.21
CA LEU B 127 8.53 -16.67 14.41
C LEU B 127 9.35 -17.21 15.58
N ASN B 128 10.34 -18.05 15.28
CA ASN B 128 11.22 -18.67 16.27
C ASN B 128 12.15 -17.62 16.85
N GLN B 129 12.58 -16.71 15.98
CA GLN B 129 13.38 -15.59 16.43
C GLN B 129 12.56 -14.69 17.36
N ALA B 130 11.31 -14.45 17.00
CA ALA B 130 10.40 -13.72 17.87
C ALA B 130 10.19 -14.46 19.21
N PHE B 131 10.03 -15.78 19.12
CA PHE B 131 9.92 -16.67 20.27
C PHE B 131 11.10 -16.58 21.23
N ARG B 132 12.31 -16.63 20.67
CA ARG B 132 13.52 -16.64 21.45
C ARG B 132 13.75 -15.34 22.20
N LEU B 133 13.04 -14.28 21.80
CA LEU B 133 13.14 -12.99 22.48
C LEU B 133 12.13 -12.90 23.64
N LEU B 134 10.96 -13.52 23.44
CA LEU B 134 9.93 -13.56 24.47
C LEU B 134 10.34 -14.40 25.70
N LEU B 135 11.29 -15.30 25.53
CA LEU B 135 11.84 -16.11 26.64
C LEU B 135 12.85 -15.31 27.43
N ASP B 136 13.49 -14.34 26.77
CA ASP B 136 14.40 -13.39 27.44
C ASP B 136 13.61 -12.43 28.33
N GLY B 137 12.29 -12.41 28.16
CA GLY B 137 11.41 -11.54 28.95
C GLY B 137 10.71 -10.46 28.13
N ALA B 138 11.06 -10.35 26.84
CA ALA B 138 10.44 -9.38 25.96
C ALA B 138 8.92 -9.50 25.99
N PRO B 139 8.20 -8.37 26.03
CA PRO B 139 6.74 -8.36 26.00
C PRO B 139 6.19 -8.66 24.62
N LEU B 140 5.14 -9.48 24.57
CA LEU B 140 4.40 -9.69 23.33
C LEU B 140 3.29 -8.65 23.27
N ILE B 141 3.26 -7.91 22.17
CA ILE B 141 2.23 -6.93 21.94
C ILE B 141 1.50 -7.37 20.69
N ALA B 142 0.26 -7.80 20.88
CA ALA B 142 -0.56 -8.13 19.73
C ALA B 142 -1.39 -6.90 19.36
N ILE B 143 -1.29 -6.48 18.10
CA ILE B 143 -2.18 -5.43 17.58
C ILE B 143 -3.63 -5.86 17.77
N HIS B 144 -4.04 -6.96 17.15
CA HIS B 144 -5.25 -7.66 17.59
C HIS B 144 -5.15 -9.15 17.28
N LYS B 145 -6.21 -9.89 17.56
CA LYS B 145 -6.21 -11.35 17.54
C LYS B 145 -7.29 -11.99 16.62
N ALA B 146 -7.67 -11.30 15.55
CA ALA B 146 -8.66 -11.84 14.61
C ALA B 146 -8.28 -13.26 14.13
N ARG B 147 -9.21 -14.20 14.29
CA ARG B 147 -8.96 -15.57 13.83
CA ARG B 147 -9.01 -15.58 13.81
C ARG B 147 -8.70 -15.59 12.32
N TYR B 148 -9.60 -15.00 11.55
CA TYR B 148 -9.52 -14.97 10.11
C TYR B 148 -9.94 -13.61 9.60
N TYR B 149 -9.82 -13.44 8.28
CA TYR B 149 -10.34 -12.28 7.56
C TYR B 149 -10.77 -12.69 6.15
N LYS B 150 -11.61 -11.87 5.54
CA LYS B 150 -12.34 -12.23 4.31
C LYS B 150 -11.70 -11.62 3.08
N ARG B 151 -11.08 -12.47 2.26
CA ARG B 151 -10.56 -12.00 0.97
C ARG B 151 -11.53 -12.39 -0.13
N LYS B 152 -11.34 -11.80 -1.31
CA LYS B 152 -12.17 -12.02 -2.48
C LYS B 152 -12.22 -13.50 -2.85
N ASP B 153 -11.21 -14.25 -2.42
CA ASP B 153 -11.12 -15.66 -2.73
C ASP B 153 -11.46 -16.59 -1.56
N GLY B 154 -12.08 -16.06 -0.52
CA GLY B 154 -12.40 -16.85 0.67
C GLY B 154 -11.70 -16.37 1.93
N LEU B 155 -11.83 -17.14 3.01
CA LEU B 155 -11.24 -16.76 4.30
C LEU B 155 -9.77 -17.16 4.44
N ALA B 156 -9.00 -16.30 5.13
CA ALA B 156 -7.56 -16.49 5.32
C ALA B 156 -7.13 -16.16 6.75
N LEU B 157 -6.17 -16.93 7.27
CA LEU B 157 -5.63 -16.73 8.60
C LEU B 157 -5.45 -15.25 8.93
N GLY B 158 -5.88 -14.88 10.13
CA GLY B 158 -5.60 -13.56 10.66
C GLY B 158 -4.35 -13.58 11.52
N PRO B 159 -4.11 -12.50 12.26
CA PRO B 159 -2.96 -12.51 13.17
C PRO B 159 -3.15 -13.42 14.40
N GLY B 160 -4.38 -13.58 14.85
CA GLY B 160 -4.65 -14.29 16.12
C GLY B 160 -3.99 -15.65 16.28
N PRO B 161 -4.04 -16.48 15.21
CA PRO B 161 -3.39 -17.79 15.23
C PRO B 161 -1.91 -17.71 15.55
N PHE B 162 -1.21 -16.72 15.00
CA PHE B 162 0.24 -16.59 15.21
C PHE B 162 0.57 -15.96 16.53
N VAL B 163 -0.22 -14.98 16.95
CA VAL B 163 -0.11 -14.50 18.30
C VAL B 163 -0.32 -15.67 19.30
N THR B 164 -1.38 -16.44 19.10
CA THR B 164 -1.70 -17.55 20.01
C THR B 164 -0.58 -18.59 19.95
N ALA B 165 0.01 -18.75 18.78
CA ALA B 165 1.13 -19.66 18.61
C ALA B 165 2.28 -19.28 19.54
N LEU B 166 2.63 -18.00 19.58
CA LEU B 166 3.66 -17.52 20.50
C LEU B 166 3.18 -17.55 21.96
N GLU B 167 1.87 -17.36 22.20
CA GLU B 167 1.34 -17.47 23.56
C GLU B 167 1.51 -18.91 24.06
N TYR B 168 0.99 -19.88 23.29
CA TYR B 168 1.17 -21.30 23.56
C TYR B 168 2.61 -21.75 23.85
N ALA B 169 3.55 -21.32 23.01
CA ALA B 169 4.98 -21.69 23.09
C ALA B 169 5.67 -21.23 24.37
N THR B 170 5.24 -20.10 24.90
CA THR B 170 5.91 -19.54 26.07
C THR B 170 5.04 -19.71 27.30
N ASP B 171 3.80 -20.16 27.09
CA ASP B 171 2.80 -20.17 28.14
C ASP B 171 2.69 -18.77 28.76
N THR B 172 2.45 -17.79 27.90
CA THR B 172 2.23 -16.40 28.31
C THR B 172 1.04 -15.83 27.58
N LYS B 173 0.62 -14.64 27.98
CA LYS B 173 -0.50 -13.97 27.40
C LYS B 173 0.01 -12.65 26.78
N ALA B 174 -0.26 -12.49 25.50
CA ALA B 174 0.11 -11.27 24.78
C ALA B 174 -0.55 -10.04 25.38
N THR B 175 0.16 -8.92 25.36
CA THR B 175 -0.45 -7.65 25.65
C THR B 175 -1.21 -7.30 24.37
N VAL B 176 -2.52 -7.50 24.39
CA VAL B 176 -3.34 -7.19 23.21
C VAL B 176 -3.87 -5.76 23.34
N VAL B 177 -3.63 -4.93 22.32
CA VAL B 177 -3.94 -3.50 22.37
C VAL B 177 -5.16 -3.03 21.54
N GLY B 178 -5.75 -3.91 20.74
CA GLY B 178 -6.90 -3.50 19.93
C GLY B 178 -8.24 -3.86 20.55
N LYS B 179 -9.31 -3.63 19.79
CA LYS B 179 -10.62 -4.14 20.20
C LYS B 179 -10.58 -5.69 20.15
N PRO B 180 -11.24 -6.37 21.11
CA PRO B 180 -12.18 -5.84 22.09
C PRO B 180 -11.59 -5.48 23.46
N GLU B 181 -10.27 -5.57 23.60
CA GLU B 181 -9.63 -5.48 24.91
C GLU B 181 -9.84 -4.13 25.60
N LYS B 182 -9.78 -4.17 26.93
CA LYS B 182 -10.07 -3.01 27.76
C LYS B 182 -9.18 -1.82 27.43
N THR B 183 -7.86 -2.07 27.34
CA THR B 183 -6.86 -1.02 27.10
C THR B 183 -7.11 -0.21 25.83
N PHE B 184 -7.79 -0.78 24.84
CA PHE B 184 -8.02 -0.02 23.62
C PHE B 184 -8.90 1.18 23.89
N PHE B 185 -9.98 0.98 24.63
CA PHE B 185 -10.89 2.07 24.98
C PHE B 185 -10.29 3.01 26.04
N LEU B 186 -9.47 2.47 26.94
CA LEU B 186 -8.79 3.31 27.92
C LEU B 186 -7.74 4.17 27.22
N GLU B 187 -7.03 3.59 26.26
CA GLU B 187 -6.02 4.30 25.49
C GLU B 187 -6.64 5.31 24.56
N ALA B 188 -7.83 5.01 24.09
CA ALA B 188 -8.52 5.92 23.16
C ALA B 188 -8.80 7.25 23.87
N LEU B 189 -8.89 7.21 25.19
CA LEU B 189 -9.17 8.40 25.97
C LEU B 189 -7.91 9.07 26.57
N ARG B 190 -6.73 8.47 26.42
CA ARG B 190 -5.47 9.12 26.84
C ARG B 190 -5.25 10.41 26.07
N GLY B 191 -4.99 11.50 26.80
CA GLY B 191 -4.74 12.80 26.20
C GLY B 191 -5.99 13.65 26.13
N THR B 192 -7.10 13.03 26.54
CA THR B 192 -8.43 13.59 26.38
C THR B 192 -8.92 14.23 27.66
N GLY B 193 -8.37 13.81 28.79
CA GLY B 193 -8.84 14.29 30.10
C GLY B 193 -10.19 13.73 30.55
N CYS B 194 -10.80 12.87 29.73
CA CYS B 194 -12.08 12.25 30.05
C CYS B 194 -11.90 10.87 30.66
N GLU B 195 -12.68 10.58 31.69
CA GLU B 195 -12.81 9.23 32.21
C GLU B 195 -13.76 8.44 31.30
N PRO B 196 -13.60 7.10 31.27
CA PRO B 196 -14.52 6.25 30.50
C PRO B 196 -16.00 6.47 30.86
N GLU B 197 -16.25 6.96 32.06
CA GLU B 197 -17.62 7.20 32.55
C GLU B 197 -18.30 8.33 31.78
N GLU B 198 -17.50 9.09 31.06
CA GLU B 198 -17.94 10.32 30.41
C GLU B 198 -17.90 10.19 28.89
N ALA B 199 -17.67 8.97 28.41
CA ALA B 199 -17.56 8.73 26.97
C ALA B 199 -18.71 7.84 26.51
N VAL B 200 -19.00 7.89 25.22
CA VAL B 200 -19.94 6.98 24.59
C VAL B 200 -19.21 6.29 23.43
N MET B 201 -19.46 5.01 23.24
CA MET B 201 -18.89 4.33 22.10
C MET B 201 -20.01 3.93 21.13
N ILE B 202 -19.82 4.31 19.87
CA ILE B 202 -20.79 4.03 18.80
C ILE B 202 -20.18 3.05 17.79
N GLY B 203 -20.95 2.03 17.39
CA GLY B 203 -20.42 0.99 16.53
C GLY B 203 -21.43 -0.05 16.12
N ASP B 204 -20.95 -1.06 15.39
CA ASP B 204 -21.82 -2.11 14.83
C ASP B 204 -21.36 -3.53 15.17
N ASP B 205 -20.19 -3.66 15.79
CA ASP B 205 -19.73 -4.95 16.28
C ASP B 205 -20.10 -5.08 17.75
N CYS B 206 -21.09 -5.93 18.00
CA CYS B 206 -21.69 -6.06 19.32
C CYS B 206 -20.71 -6.42 20.45
N ARG B 207 -20.12 -7.61 20.37
CA ARG B 207 -19.20 -8.10 21.39
C ARG B 207 -17.95 -7.23 21.49
N ASP B 208 -17.49 -6.75 20.32
CA ASP B 208 -16.18 -6.11 20.15
C ASP B 208 -16.15 -4.59 20.29
N ASP B 209 -17.20 -3.90 19.83
CA ASP B 209 -17.30 -2.44 20.05
C ASP B 209 -18.00 -2.10 21.37
N VAL B 210 -19.23 -2.59 21.50
CA VAL B 210 -20.12 -2.20 22.59
C VAL B 210 -19.77 -2.97 23.87
N GLY B 211 -19.72 -4.29 23.78
CA GLY B 211 -19.31 -5.13 24.91
C GLY B 211 -17.98 -4.68 25.46
N GLY B 212 -16.98 -4.60 24.59
CA GLY B 212 -15.65 -4.13 24.97
C GLY B 212 -15.64 -2.82 25.72
N ALA B 213 -16.38 -1.84 25.20
CA ALA B 213 -16.46 -0.48 25.76
C ALA B 213 -17.21 -0.44 27.08
N GLN B 214 -18.32 -1.14 27.16
CA GLN B 214 -19.14 -1.14 28.39
C GLN B 214 -18.36 -1.76 29.56
N ASP B 215 -17.46 -2.69 29.24
CA ASP B 215 -16.64 -3.31 30.27
C ASP B 215 -15.63 -2.36 30.95
N VAL B 216 -15.40 -1.18 30.37
CA VAL B 216 -14.50 -0.19 30.99
C VAL B 216 -15.25 1.01 31.60
N GLY B 217 -16.55 1.08 31.35
CA GLY B 217 -17.40 2.13 31.88
C GLY B 217 -18.15 3.01 30.91
N MET B 218 -17.83 2.93 29.63
CA MET B 218 -18.53 3.75 28.62
C MET B 218 -19.95 3.26 28.37
N LEU B 219 -20.79 4.15 27.86
CA LEU B 219 -22.10 3.79 27.35
C LEU B 219 -21.93 3.34 25.92
N GLY B 220 -22.47 2.18 25.58
CA GLY B 220 -22.29 1.65 24.25
C GLY B 220 -23.55 1.79 23.43
N ILE B 221 -23.45 2.42 22.27
CA ILE B 221 -24.57 2.48 21.33
C ILE B 221 -24.34 1.49 20.18
N LEU B 222 -25.22 0.49 20.08
CA LEU B 222 -25.20 -0.45 18.94
C LEU B 222 -25.98 0.16 17.79
N VAL B 223 -25.27 0.44 16.69
CA VAL B 223 -25.87 0.98 15.47
C VAL B 223 -26.34 -0.18 14.59
N LYS B 224 -27.61 -0.15 14.20
CA LYS B 224 -28.24 -1.22 13.41
C LYS B 224 -27.75 -1.25 11.96
N THR B 225 -27.04 -0.20 11.55
CA THR B 225 -26.45 -0.10 10.22
C THR B 225 -25.24 -1.03 10.04
N GLY B 226 -24.46 -0.79 8.99
CA GLY B 226 -23.23 -1.55 8.71
C GLY B 226 -23.35 -3.05 8.88
N LYS B 227 -22.32 -3.67 9.45
CA LYS B 227 -22.29 -5.10 9.67
C LYS B 227 -23.01 -5.47 10.98
N TYR B 228 -24.26 -5.04 11.11
CA TYR B 228 -25.11 -5.48 12.22
C TYR B 228 -26.15 -6.49 11.72
N ARG B 229 -26.28 -7.61 12.43
CA ARG B 229 -27.34 -8.57 12.15
C ARG B 229 -28.50 -8.34 13.12
N ALA B 230 -29.73 -8.60 12.65
CA ALA B 230 -30.95 -8.35 13.43
C ALA B 230 -30.89 -9.04 14.80
N SER B 231 -31.18 -8.27 15.85
CA SER B 231 -31.17 -8.77 17.23
C SER B 231 -29.83 -9.39 17.66
N ASP B 232 -28.73 -8.82 17.14
CA ASP B 232 -27.39 -9.19 17.59
C ASP B 232 -27.10 -8.60 18.99
N GLU B 233 -27.95 -7.66 19.41
CA GLU B 233 -27.86 -7.07 20.75
C GLU B 233 -27.89 -8.15 21.84
N GLU B 234 -28.35 -9.34 21.47
CA GLU B 234 -28.50 -10.49 22.39
C GLU B 234 -27.19 -11.21 22.69
N LYS B 235 -26.13 -10.87 21.95
CA LYS B 235 -24.85 -11.57 22.08
C LYS B 235 -24.12 -11.26 23.40
N ILE B 236 -24.37 -10.08 23.96
CA ILE B 236 -23.72 -9.66 25.22
C ILE B 236 -24.67 -9.37 26.38
N ASN B 237 -24.10 -9.33 27.57
CA ASN B 237 -24.85 -9.01 28.78
C ASN B 237 -24.01 -8.24 29.80
N PRO B 238 -24.53 -7.09 30.28
CA PRO B 238 -25.74 -6.38 29.92
C PRO B 238 -25.81 -6.10 28.42
N PRO B 239 -27.03 -5.96 27.87
CA PRO B 239 -27.20 -5.48 26.49
C PRO B 239 -26.65 -4.06 26.30
N PRO B 240 -26.57 -3.57 25.05
CA PRO B 240 -26.05 -2.22 24.82
C PRO B 240 -26.94 -1.15 25.42
N TYR B 241 -26.37 -0.09 25.98
CA TYR B 241 -27.16 1.01 26.54
C TYR B 241 -28.27 1.50 25.59
N LEU B 242 -28.00 1.45 24.29
CA LEU B 242 -28.96 1.89 23.27
C LEU B 242 -28.77 1.01 22.04
N THR B 243 -29.80 0.91 21.21
CA THR B 243 -29.66 0.18 19.94
C THR B 243 -30.30 0.96 18.80
N CYS B 244 -29.56 1.95 18.30
CA CYS B 244 -30.09 2.91 17.31
C CYS B 244 -30.09 2.40 15.88
N GLU B 245 -30.83 3.08 15.01
CA GLU B 245 -30.89 2.70 13.61
C GLU B 245 -29.64 3.15 12.89
N SER B 246 -29.47 4.46 12.76
CA SER B 246 -28.32 5.05 12.10
C SER B 246 -27.43 5.85 13.06
N PHE B 247 -26.18 6.04 12.67
CA PHE B 247 -25.25 6.93 13.39
C PHE B 247 -25.81 8.35 13.68
N PRO B 248 -26.49 8.98 12.70
CA PRO B 248 -27.14 10.29 12.96
C PRO B 248 -28.33 10.23 13.92
N HIS B 249 -28.91 9.05 14.11
CA HIS B 249 -29.89 8.84 15.18
C HIS B 249 -29.18 8.85 16.53
N ALA B 250 -27.98 8.27 16.57
CA ALA B 250 -27.21 8.13 17.80
C ALA B 250 -26.66 9.45 18.33
N VAL B 251 -26.44 10.39 17.43
CA VAL B 251 -25.90 11.70 17.80
C VAL B 251 -27.00 12.58 18.37
N ASP B 252 -28.14 12.62 17.67
CA ASP B 252 -29.29 13.38 18.13
C ASP B 252 -29.70 12.93 19.52
N HIS B 253 -29.59 11.62 19.78
CA HIS B 253 -29.87 11.02 21.08
C HIS B 253 -28.83 11.41 22.15
N ILE B 254 -27.54 11.37 21.78
CA ILE B 254 -26.46 11.71 22.73
C ILE B 254 -26.42 13.19 23.05
N LEU B 255 -26.81 14.03 22.08
CA LEU B 255 -26.90 15.48 22.26
C LEU B 255 -28.09 15.80 23.15
N GLN B 256 -29.27 15.34 22.71
CA GLN B 256 -30.53 15.51 23.42
C GLN B 256 -30.46 15.14 24.91
N HIS B 257 -30.01 13.92 25.20
CA HIS B 257 -30.23 13.32 26.52
C HIS B 257 -29.09 13.38 27.56
N LEU B 258 -27.96 14.01 27.22
CA LEU B 258 -26.80 14.04 28.13
C LEU B 258 -26.04 15.38 28.18
N LEU B 259 -26.78 16.47 28.39
CA LEU B 259 -26.20 17.81 28.53
C LEU B 259 -27.11 18.71 29.38
#